data_5JPF
#
_entry.id   5JPF
#
_cell.length_a   50.665
_cell.length_b   50.665
_cell.length_c   201.054
_cell.angle_alpha   90.000
_cell.angle_beta   90.000
_cell.angle_gamma   120.000
#
_symmetry.space_group_name_H-M   'P 32 2 1'
#
loop_
_entity.id
_entity.type
_entity.pdbx_description
1 polymer 'Serine/threonine-protein phosphatase'
2 polymer Microcystin-LR
3 non-polymer 'MANGANESE (II) ION'
4 non-polymer 'MALONATE ION'
5 water water
#
loop_
_entity_poly.entity_id
_entity_poly.type
_entity_poly.pdbx_seq_one_letter_code
_entity_poly.pdbx_strand_id
1 'polypeptide(L)'
;GHMIDIDSLIDKLLNAGFSGKRTKNVCLKNTEIELICASAREIFLSQPSLLELAPPVKVVGDVHGQYHDLIRIFSKCGFP
PKTNYLFLGDYVNRGKQSLETILLLLCYKIKYPENFFLLRGNHECANVTRVYGFYDECKRRCNIKTWKLFIDTFNTLPIA
AIVAGKIFCVHGGLSPVLNSMDEIRNIARPTDVPDFGLLNDLLWSDPADTINEWEDNERGVSYVFSKVAINKFLSKFNFD
LVCRAHMVVEDGYEFFNDRTLVTVFSAPNYCGEFDNWGAVMGVSEDLLCSFELLDPLDSAALKQVMKKEKQERKKST
;
A
2 'polypeptide(L)' (DAL)L(ACB)R(1ZN)(FGA)(DAM) M
#
loop_
_chem_comp.id
_chem_comp.type
_chem_comp.name
_chem_comp.formula
1ZN peptide-like '(2S,3S,4E,6E,8S,9S)-3-amino-9-methoxy-2,6,8-trimethyl-10-phenyldeca-4,6-dienoic acid' 'C20 H29 N O3'
ACB D-beta-peptide, C-gamma linking '3-METHYL-BETA-D-ASPARTIC ACID' 'C5 H9 N O4'
FGA D-gamma-peptide, C-delta linking 'GAMMA-D-GLUTAMIC ACID' 'C5 H9 N O4'
MLI non-polymer 'MALONATE ION' 'C3 H2 O4 -2'
MN non-polymer 'MANGANESE (II) ION' 'Mn 2'
#
# COMPACT_ATOMS: atom_id res chain seq x y z
N ASP A 5 14.16 15.63 15.24
CA ASP A 5 14.08 16.48 14.06
C ASP A 5 13.58 15.72 12.85
N ILE A 6 12.26 15.48 12.80
CA ILE A 6 11.68 14.75 11.69
C ILE A 6 11.71 15.59 10.41
N ASP A 7 11.73 16.91 10.53
CA ASP A 7 11.79 17.77 9.36
C ASP A 7 13.09 17.59 8.61
N SER A 8 14.20 17.44 9.34
CA SER A 8 15.50 17.30 8.69
C SER A 8 15.62 15.95 7.98
N LEU A 9 15.05 14.89 8.58
CA LEU A 9 15.09 13.58 7.94
C LEU A 9 14.27 13.57 6.65
N ILE A 10 13.17 14.31 6.61
CA ILE A 10 12.40 14.42 5.37
C ILE A 10 13.20 15.19 4.32
N ASP A 11 13.80 16.32 4.73
CA ASP A 11 14.59 17.12 3.81
C ASP A 11 15.76 16.32 3.25
N LYS A 12 16.39 15.50 4.09
CA LYS A 12 17.48 14.66 3.61
C LYS A 12 16.99 13.61 2.61
N LEU A 13 15.86 12.97 2.93
CA LEU A 13 15.30 11.97 2.02
C LEU A 13 14.87 12.62 0.70
N LEU A 14 14.21 13.78 0.77
CA LEU A 14 13.77 14.44 -0.45
C LEU A 14 14.93 15.04 -1.22
N ASN A 15 16.01 15.41 -0.53
CA ASN A 15 17.21 15.88 -1.22
C ASN A 15 17.75 14.78 -2.14
N ALA A 16 17.90 13.57 -1.61
CA ALA A 16 18.36 12.46 -2.43
C ALA A 16 17.39 12.13 -3.55
N GLY A 17 16.10 12.38 -3.33
CA GLY A 17 15.09 12.10 -4.33
C GLY A 17 15.04 13.13 -5.45
N PHE A 18 15.17 14.42 -5.09
CA PHE A 18 15.17 15.47 -6.10
C PHE A 18 16.39 15.35 -7.01
N SER A 19 17.53 14.97 -6.46
CA SER A 19 18.77 14.89 -7.22
C SER A 19 18.95 13.58 -7.96
N GLY A 20 18.20 12.55 -7.60
CA GLY A 20 18.41 11.24 -8.18
C GLY A 20 19.70 10.57 -7.75
N LYS A 21 20.31 11.04 -6.66
CA LYS A 21 21.56 10.46 -6.19
C LYS A 21 21.36 9.01 -5.77
N ARG A 22 22.23 8.13 -6.28
CA ARG A 22 22.12 6.68 -6.08
C ARG A 22 23.39 6.21 -5.37
N THR A 23 23.24 5.83 -4.10
CA THR A 23 24.38 5.43 -3.28
C THR A 23 24.07 4.12 -2.56
N LYS A 24 25.11 3.36 -2.28
CA LYS A 24 24.94 2.12 -1.52
C LYS A 24 24.38 2.40 -0.14
N ASN A 25 24.98 3.35 0.58
CA ASN A 25 24.51 3.71 1.91
C ASN A 25 23.31 4.65 1.82
N VAL A 26 22.36 4.47 2.74
CA VAL A 26 21.20 5.33 2.79
C VAL A 26 21.59 6.68 3.38
N CYS A 27 20.95 7.75 2.88
CA CYS A 27 21.24 9.09 3.37
C CYS A 27 20.91 9.27 4.85
N LEU A 28 20.23 8.31 5.46
CA LEU A 28 19.95 8.32 6.90
C LEU A 28 20.76 7.22 7.57
N LYS A 29 21.27 7.52 8.77
CA LYS A 29 22.03 6.54 9.51
C LYS A 29 21.12 5.44 10.07
N ASN A 30 21.72 4.28 10.35
CA ASN A 30 20.95 3.18 10.93
C ASN A 30 20.30 3.58 12.24
N THR A 31 20.98 4.42 13.03
CA THR A 31 20.39 4.92 14.26
C THR A 31 19.18 5.80 13.99
N GLU A 32 19.20 6.56 12.88
CA GLU A 32 18.04 7.36 12.52
C GLU A 32 16.92 6.49 11.96
N ILE A 33 17.28 5.46 11.20
CA ILE A 33 16.28 4.53 10.68
C ILE A 33 15.57 3.83 11.84
N GLU A 34 16.32 3.49 12.89
CA GLU A 34 15.73 2.82 14.04
C GLU A 34 14.69 3.69 14.71
N LEU A 35 15.00 4.98 14.92
CA LEU A 35 14.08 5.87 15.59
C LEU A 35 12.82 6.12 14.74
N ILE A 36 12.95 6.10 13.41
CA ILE A 36 11.80 6.30 12.55
C ILE A 36 10.83 5.12 12.67
N CYS A 37 11.38 3.90 12.61
CA CYS A 37 10.53 2.71 12.75
C CYS A 37 9.86 2.66 14.12
N ALA A 38 10.52 3.18 15.15
CA ALA A 38 9.95 3.14 16.49
C ALA A 38 8.79 4.12 16.62
N SER A 39 8.96 5.33 16.12
CA SER A 39 7.89 6.32 16.22
C SER A 39 6.68 5.93 15.39
N ALA A 40 6.91 5.46 14.16
CA ALA A 40 5.81 5.06 13.30
C ALA A 40 5.05 3.88 13.88
N ARG A 41 5.77 2.88 14.38
CA ARG A 41 5.11 1.71 14.98
C ARG A 41 4.17 2.12 16.10
N GLU A 42 4.61 3.06 16.95
CA GLU A 42 3.76 3.53 18.04
C GLU A 42 2.53 4.26 17.51
N ILE A 43 2.70 5.05 16.44
CA ILE A 43 1.56 5.76 15.85
C ILE A 43 0.59 4.77 15.24
N PHE A 44 1.09 3.76 14.52
CA PHE A 44 0.23 2.76 13.91
C PHE A 44 -0.59 2.02 14.96
N LEU A 45 0.03 1.66 16.08
CA LEU A 45 -0.68 0.93 17.13
C LEU A 45 -1.70 1.78 17.84
N SER A 46 -1.52 3.11 17.86
CA SER A 46 -2.48 4.00 18.49
C SER A 46 -3.70 4.28 17.61
N GLN A 47 -3.73 3.77 16.39
CA GLN A 47 -4.80 3.96 15.44
C GLN A 47 -5.38 2.61 15.07
N PRO A 48 -6.63 2.56 14.61
CA PRO A 48 -7.32 1.27 14.46
C PRO A 48 -6.78 0.44 13.29
N SER A 49 -7.10 -0.86 13.35
CA SER A 49 -6.78 -1.76 12.24
C SER A 49 -7.61 -1.44 11.00
N LEU A 50 -8.79 -0.84 11.20
CA LEU A 50 -9.66 -0.39 10.11
C LEU A 50 -9.79 1.11 10.24
N LEU A 51 -9.24 1.85 9.28
CA LEU A 51 -9.27 3.30 9.33
C LEU A 51 -10.58 3.83 8.77
N GLU A 52 -11.04 4.95 9.33
CA GLU A 52 -12.21 5.65 8.82
C GLU A 52 -11.79 7.07 8.50
N LEU A 53 -11.70 7.36 7.20
CA LEU A 53 -11.12 8.60 6.71
C LEU A 53 -12.19 9.44 6.02
N ALA A 54 -12.04 10.76 6.12
CA ALA A 54 -12.94 11.69 5.48
C ALA A 54 -12.25 12.34 4.29
N PRO A 55 -12.99 12.62 3.21
CA PRO A 55 -12.42 13.29 2.03
C PRO A 55 -12.19 14.78 2.31
N PRO A 56 -11.38 15.46 1.50
CA PRO A 56 -10.66 14.96 0.32
C PRO A 56 -9.42 14.15 0.67
N VAL A 57 -9.05 13.24 -0.23
CA VAL A 57 -7.90 12.37 -0.03
C VAL A 57 -7.52 11.77 -1.38
N LYS A 58 -6.23 11.52 -1.57
CA LYS A 58 -5.73 10.87 -2.77
C LYS A 58 -5.21 9.49 -2.39
N VAL A 59 -5.48 8.50 -3.25
CA VAL A 59 -5.21 7.10 -2.97
C VAL A 59 -4.13 6.60 -3.92
N VAL A 60 -3.06 6.05 -3.36
CA VAL A 60 -1.89 5.60 -4.12
C VAL A 60 -1.77 4.09 -4.02
N GLY A 61 -1.49 3.46 -5.16
CA GLY A 61 -1.31 2.01 -5.24
C GLY A 61 0.12 1.57 -4.98
N ASP A 62 0.49 0.44 -5.59
CA ASP A 62 1.81 -0.14 -5.38
C ASP A 62 2.91 0.80 -5.84
N VAL A 63 3.94 0.95 -5.00
CA VAL A 63 5.13 1.70 -5.35
C VAL A 63 6.32 0.78 -5.60
N HIS A 64 6.50 -0.23 -4.76
CA HIS A 64 7.53 -1.26 -4.91
C HIS A 64 8.92 -0.63 -5.10
N GLY A 65 9.30 0.18 -4.13
CA GLY A 65 10.65 0.71 -4.05
C GLY A 65 11.08 1.63 -5.18
N GLN A 66 10.15 2.00 -6.07
CA GLN A 66 10.47 2.92 -7.17
C GLN A 66 10.42 4.34 -6.60
N TYR A 67 11.53 4.72 -5.93
CA TYR A 67 11.55 5.95 -5.14
C TYR A 67 11.41 7.18 -6.02
N HIS A 68 12.08 7.19 -7.18
CA HIS A 68 11.93 8.31 -8.10
C HIS A 68 10.48 8.54 -8.46
N ASP A 69 9.71 7.47 -8.66
CA ASP A 69 8.31 7.62 -9.00
C ASP A 69 7.48 8.08 -7.80
N LEU A 70 7.93 7.78 -6.58
CA LEU A 70 7.27 8.35 -5.42
C LEU A 70 7.47 9.86 -5.36
N ILE A 71 8.67 10.33 -5.73
CA ILE A 71 8.93 11.76 -5.81
C ILE A 71 8.04 12.39 -6.88
N ARG A 72 7.91 11.72 -8.03
CA ARG A 72 7.03 12.23 -9.08
C ARG A 72 5.59 12.33 -8.61
N ILE A 73 5.15 11.36 -7.80
CA ILE A 73 3.78 11.39 -7.28
C ILE A 73 3.58 12.61 -6.41
N PHE A 74 4.48 12.84 -5.47
CA PHE A 74 4.34 13.99 -4.56
C PHE A 74 4.51 15.30 -5.31
N SER A 75 5.44 15.36 -6.28
CA SER A 75 5.65 16.59 -7.02
C SER A 75 4.42 16.95 -7.85
N LYS A 76 3.76 15.96 -8.43
CA LYS A 76 2.60 16.22 -9.27
C LYS A 76 1.30 16.29 -8.48
N CYS A 77 1.09 15.37 -7.54
CA CYS A 77 -0.17 15.32 -6.80
C CYS A 77 -0.15 16.20 -5.56
N GLY A 78 1.00 16.73 -5.16
CA GLY A 78 1.06 17.61 -4.01
C GLY A 78 1.70 16.98 -2.80
N PHE A 79 2.63 17.70 -2.18
CA PHE A 79 3.29 17.16 -0.99
C PHE A 79 2.37 17.28 0.22
N PRO A 80 2.53 16.38 1.21
CA PRO A 80 1.82 16.52 2.48
C PRO A 80 2.21 17.83 3.17
N PRO A 81 1.31 18.43 3.96
CA PRO A 81 -0.02 17.95 4.33
C PRO A 81 -1.18 18.55 3.55
N LYS A 82 -0.89 19.44 2.59
CA LYS A 82 -1.97 20.06 1.83
C LYS A 82 -2.73 19.05 0.99
N THR A 83 -2.14 17.90 0.70
CA THR A 83 -2.85 16.77 0.15
C THR A 83 -2.88 15.66 1.20
N ASN A 84 -4.07 15.17 1.51
CA ASN A 84 -4.21 14.01 2.39
C ASN A 84 -4.01 12.73 1.59
N TYR A 85 -3.20 11.81 2.12
CA TYR A 85 -2.81 10.63 1.38
C TYR A 85 -3.27 9.35 2.08
N LEU A 86 -3.71 8.39 1.28
CA LEU A 86 -3.90 7.01 1.71
C LEU A 86 -3.16 6.11 0.74
N PHE A 87 -2.17 5.37 1.23
CA PHE A 87 -1.42 4.41 0.44
C PHE A 87 -1.96 3.01 0.71
N LEU A 88 -2.11 2.22 -0.35
CA LEU A 88 -2.71 0.89 -0.25
C LEU A 88 -1.69 -0.22 -0.05
N GLY A 89 -0.41 0.09 0.07
CA GLY A 89 0.59 -0.91 0.42
C GLY A 89 1.55 -1.21 -0.72
N ASP A 90 2.35 -2.26 -0.50
CA ASP A 90 3.40 -2.70 -1.42
C ASP A 90 4.39 -1.55 -1.68
N TYR A 91 5.09 -1.20 -0.61
CA TYR A 91 6.09 -0.14 -0.64
C TYR A 91 7.48 -0.66 -0.99
N VAL A 92 7.78 -1.91 -0.65
CA VAL A 92 9.13 -2.43 -0.76
C VAL A 92 9.16 -3.61 -1.74
N ASN A 93 10.35 -4.20 -1.91
CA ASN A 93 10.64 -5.29 -2.85
C ASN A 93 10.69 -4.80 -4.29
N ARG A 94 11.46 -5.50 -5.13
CA ARG A 94 11.62 -5.24 -6.55
C ARG A 94 12.43 -3.98 -6.84
N GLY A 95 12.01 -2.84 -6.29
CA GLY A 95 12.71 -1.59 -6.55
C GLY A 95 14.03 -1.52 -5.82
N LYS A 96 15.00 -0.87 -6.48
CA LYS A 96 16.34 -0.74 -5.94
C LYS A 96 16.45 0.31 -4.84
N GLN A 97 15.40 1.06 -4.57
CA GLN A 97 15.39 2.07 -3.52
C GLN A 97 14.22 1.86 -2.58
N SER A 98 13.98 0.60 -2.19
CA SER A 98 12.92 0.32 -1.24
C SER A 98 13.15 1.03 0.09
N LEU A 99 14.41 1.18 0.50
CA LEU A 99 14.70 1.83 1.78
C LEU A 99 14.27 3.29 1.76
N GLU A 100 14.69 4.05 0.73
CA GLU A 100 14.27 5.44 0.63
C GLU A 100 12.74 5.55 0.54
N THR A 101 12.11 4.62 -0.16
CA THR A 101 10.66 4.69 -0.35
C THR A 101 9.93 4.53 0.97
N ILE A 102 10.23 3.47 1.73
CA ILE A 102 9.51 3.24 2.98
C ILE A 102 9.91 4.27 4.03
N LEU A 103 11.16 4.76 3.99
CA LEU A 103 11.59 5.73 4.98
C LEU A 103 10.88 7.07 4.80
N LEU A 104 10.70 7.52 3.57
CA LEU A 104 10.00 8.78 3.34
C LEU A 104 8.54 8.67 3.76
N LEU A 105 7.89 7.54 3.45
CA LEU A 105 6.49 7.38 3.82
C LEU A 105 6.31 7.32 5.34
N LEU A 106 7.24 6.66 6.04
CA LEU A 106 7.13 6.59 7.49
C LEU A 106 7.36 7.95 8.14
N CYS A 107 8.30 8.73 7.60
CA CYS A 107 8.54 10.07 8.14
C CYS A 107 7.31 10.95 8.00
N TYR A 108 6.65 10.90 6.85
CA TYR A 108 5.41 11.66 6.68
C TYR A 108 4.33 11.18 7.64
N LYS A 109 4.27 9.87 7.89
CA LYS A 109 3.33 9.36 8.88
C LYS A 109 3.62 9.94 10.25
N ILE A 110 4.90 9.99 10.64
CA ILE A 110 5.27 10.54 11.93
C ILE A 110 4.89 12.01 12.02
N LYS A 111 5.08 12.76 10.94
CA LYS A 111 4.84 14.20 11.00
C LYS A 111 3.36 14.54 10.92
N TYR A 112 2.60 13.85 10.06
CA TYR A 112 1.18 14.15 9.86
C TYR A 112 0.35 12.91 10.17
N PRO A 113 0.25 12.54 11.46
CA PRO A 113 -0.41 11.27 11.80
C PRO A 113 -1.87 11.20 11.38
N GLU A 114 -2.58 12.32 11.33
CA GLU A 114 -4.00 12.35 11.04
C GLU A 114 -4.31 12.81 9.62
N ASN A 115 -3.28 12.99 8.79
CA ASN A 115 -3.48 13.41 7.40
C ASN A 115 -2.73 12.53 6.40
N PHE A 116 -2.08 11.46 6.86
CA PHE A 116 -1.24 10.63 6.03
C PHE A 116 -1.40 9.19 6.52
N PHE A 117 -1.80 8.29 5.64
CA PHE A 117 -2.15 6.94 6.08
C PHE A 117 -1.57 5.89 5.15
N LEU A 118 -1.10 4.80 5.75
CA LEU A 118 -0.42 3.71 5.05
C LEU A 118 -1.08 2.40 5.41
N LEU A 119 -1.61 1.70 4.41
CA LEU A 119 -2.14 0.36 4.63
C LEU A 119 -1.07 -0.68 4.36
N ARG A 120 -1.33 -1.89 4.83
CA ARG A 120 -0.41 -3.01 4.63
C ARG A 120 -0.67 -3.69 3.29
N GLY A 121 0.40 -3.99 2.57
CA GLY A 121 0.33 -4.82 1.40
C GLY A 121 0.87 -6.22 1.70
N ASN A 122 0.68 -7.12 0.73
CA ASN A 122 1.16 -8.49 0.93
C ASN A 122 2.68 -8.57 0.90
N HIS A 123 3.36 -7.52 0.46
CA HIS A 123 4.82 -7.51 0.48
C HIS A 123 5.39 -6.97 1.78
N GLU A 124 4.56 -6.40 2.65
CA GLU A 124 5.02 -5.90 3.95
C GLU A 124 4.92 -7.00 5.01
N CYS A 125 5.69 -8.07 4.78
CA CYS A 125 5.81 -9.12 5.78
C CYS A 125 7.15 -9.81 5.63
N ALA A 126 7.52 -10.58 6.66
CA ALA A 126 8.88 -11.11 6.75
C ALA A 126 9.21 -12.04 5.59
N ASN A 127 8.30 -12.98 5.29
CA ASN A 127 8.64 -14.02 4.31
C ASN A 127 8.69 -13.48 2.89
N VAL A 128 7.83 -12.52 2.55
CA VAL A 128 7.82 -12.01 1.18
C VAL A 128 9.02 -11.12 0.92
N THR A 129 9.46 -10.36 1.93
CA THR A 129 10.66 -9.54 1.75
C THR A 129 11.92 -10.38 1.62
N ARG A 130 11.91 -11.60 2.17
CA ARG A 130 13.07 -12.48 2.03
C ARG A 130 13.22 -12.99 0.61
N VAL A 131 12.13 -13.06 -0.15
CA VAL A 131 12.15 -13.66 -1.49
C VAL A 131 12.31 -12.58 -2.55
N TYR A 132 11.74 -11.40 -2.32
CA TYR A 132 11.58 -10.42 -3.38
C TYR A 132 12.45 -9.17 -3.24
N GLY A 133 13.45 -9.17 -2.36
CA GLY A 133 14.46 -8.13 -2.45
C GLY A 133 14.74 -7.27 -1.24
N PHE A 134 13.71 -6.94 -0.46
CA PHE A 134 13.91 -5.96 0.61
C PHE A 134 14.74 -6.50 1.75
N TYR A 135 14.73 -7.82 1.98
CA TYR A 135 15.66 -8.42 2.93
C TYR A 135 17.10 -8.22 2.47
N ASP A 136 17.39 -8.55 1.21
CA ASP A 136 18.74 -8.40 0.68
C ASP A 136 19.15 -6.94 0.63
N GLU A 137 18.21 -6.04 0.32
CA GLU A 137 18.55 -4.61 0.29
C GLU A 137 18.93 -4.11 1.68
N CYS A 138 18.24 -4.59 2.72
CA CYS A 138 18.60 -4.20 4.08
C CYS A 138 19.93 -4.83 4.50
N LYS A 139 20.18 -6.06 4.08
CA LYS A 139 21.43 -6.72 4.44
C LYS A 139 22.63 -6.03 3.79
N ARG A 140 22.46 -5.59 2.54
CA ARG A 140 23.56 -4.98 1.80
C ARG A 140 23.76 -3.52 2.17
N ARG A 141 22.68 -2.75 2.30
CA ARG A 141 22.78 -1.33 2.53
C ARG A 141 22.74 -0.95 4.01
N CYS A 142 22.12 -1.79 4.86
CA CYS A 142 22.13 -1.55 6.29
C CYS A 142 22.58 -2.81 7.02
N ASN A 143 21.70 -3.41 7.83
CA ASN A 143 22.02 -4.67 8.47
C ASN A 143 20.72 -5.44 8.72
N ILE A 144 20.85 -6.67 9.23
CA ILE A 144 19.68 -7.50 9.49
C ILE A 144 18.86 -6.92 10.64
N LYS A 145 19.51 -6.27 11.61
CA LYS A 145 18.76 -5.65 12.70
C LYS A 145 17.82 -4.58 12.18
N THR A 146 18.25 -3.81 11.18
CA THR A 146 17.38 -2.81 10.58
C THR A 146 16.21 -3.46 9.85
N TRP A 147 16.45 -4.56 9.14
CA TRP A 147 15.37 -5.27 8.48
C TRP A 147 14.33 -5.76 9.48
N LYS A 148 14.79 -6.29 10.62
CA LYS A 148 13.85 -6.73 11.66
C LYS A 148 13.05 -5.57 12.21
N LEU A 149 13.66 -4.39 12.33
CA LEU A 149 12.93 -3.22 12.80
C LEU A 149 11.86 -2.79 11.81
N PHE A 150 12.07 -3.05 10.51
CA PHE A 150 11.04 -2.76 9.52
C PHE A 150 9.90 -3.76 9.60
N ILE A 151 10.23 -5.04 9.77
CA ILE A 151 9.19 -6.06 9.88
C ILE A 151 8.33 -5.80 11.12
N ASP A 152 8.97 -5.44 12.23
CA ASP A 152 8.21 -5.06 13.43
C ASP A 152 7.26 -3.91 13.14
N THR A 153 7.69 -2.96 12.31
CA THR A 153 6.82 -1.85 11.92
C THR A 153 5.72 -2.31 10.99
N PHE A 154 6.07 -3.14 10.00
CA PHE A 154 5.07 -3.66 9.06
C PHE A 154 3.96 -4.40 9.80
N ASN A 155 4.31 -5.18 10.82
CA ASN A 155 3.33 -5.97 11.54
C ASN A 155 2.30 -5.13 12.28
N THR A 156 2.47 -3.80 12.31
CA THR A 156 1.51 -2.90 12.94
C THR A 156 0.71 -2.08 11.94
N LEU A 157 0.95 -2.26 10.64
CA LEU A 157 0.24 -1.47 9.64
C LEU A 157 -1.24 -1.82 9.66
N PRO A 158 -2.12 -0.85 9.50
CA PRO A 158 -3.56 -1.16 9.41
C PRO A 158 -3.88 -1.90 8.13
N ILE A 159 -5.07 -2.50 8.10
CA ILE A 159 -5.43 -3.46 7.07
C ILE A 159 -6.39 -2.90 6.03
N ALA A 160 -7.31 -2.02 6.40
CA ALA A 160 -8.23 -1.44 5.44
C ALA A 160 -8.67 -0.07 5.91
N ALA A 161 -9.30 0.67 5.00
CA ALA A 161 -9.83 1.98 5.30
C ALA A 161 -11.18 2.15 4.63
N ILE A 162 -12.05 2.95 5.25
CA ILE A 162 -13.35 3.29 4.70
C ILE A 162 -13.41 4.81 4.57
N VAL A 163 -13.60 5.29 3.34
CA VAL A 163 -13.61 6.72 3.06
C VAL A 163 -15.05 7.18 2.97
N ALA A 164 -15.44 8.07 3.88
CA ALA A 164 -16.79 8.66 3.92
C ALA A 164 -17.88 7.61 3.98
N GLY A 165 -17.58 6.47 4.61
CA GLY A 165 -18.57 5.41 4.79
C GLY A 165 -19.03 4.76 3.50
N LYS A 166 -18.39 5.11 2.37
CA LYS A 166 -18.85 4.63 1.07
C LYS A 166 -17.79 3.96 0.21
N ILE A 167 -16.50 4.19 0.46
CA ILE A 167 -15.42 3.62 -0.36
C ILE A 167 -14.58 2.71 0.54
N PHE A 168 -14.64 1.42 0.28
CA PHE A 168 -13.85 0.44 1.02
C PHE A 168 -12.48 0.28 0.35
N CYS A 169 -11.42 0.58 1.08
CA CYS A 169 -10.05 0.57 0.56
C CYS A 169 -9.26 -0.55 1.22
N VAL A 170 -8.67 -1.43 0.41
CA VAL A 170 -7.86 -2.55 0.87
C VAL A 170 -6.83 -2.84 -0.21
N HIS A 171 -5.74 -3.50 0.18
CA HIS A 171 -4.68 -3.74 -0.80
C HIS A 171 -5.11 -4.77 -1.85
N GLY A 172 -5.51 -5.96 -1.40
CA GLY A 172 -5.83 -7.03 -2.31
C GLY A 172 -7.28 -7.09 -2.73
N GLY A 173 -8.16 -7.48 -1.82
CA GLY A 173 -9.57 -7.55 -2.16
C GLY A 173 -10.45 -8.17 -1.10
N LEU A 174 -11.44 -8.96 -1.53
CA LEU A 174 -12.46 -9.48 -0.65
C LEU A 174 -12.10 -10.87 -0.15
N SER A 175 -13.00 -11.46 0.65
CA SER A 175 -12.77 -12.72 1.33
C SER A 175 -14.09 -13.42 1.56
N PRO A 176 -14.15 -14.76 1.44
CA PRO A 176 -15.38 -15.48 1.77
C PRO A 176 -15.77 -15.39 3.24
N VAL A 177 -14.88 -14.94 4.12
CA VAL A 177 -15.16 -14.86 5.54
C VAL A 177 -15.19 -13.41 6.03
N LEU A 178 -15.30 -12.44 5.12
CA LEU A 178 -15.48 -11.04 5.51
C LEU A 178 -16.97 -10.82 5.73
N ASN A 179 -17.42 -11.15 6.94
CA ASN A 179 -18.83 -11.12 7.30
C ASN A 179 -19.23 -9.87 8.06
N SER A 180 -18.27 -9.15 8.64
CA SER A 180 -18.54 -7.86 9.27
C SER A 180 -17.27 -7.04 9.24
N MET A 181 -17.44 -5.71 9.32
CA MET A 181 -16.30 -4.81 9.36
C MET A 181 -15.54 -4.91 10.68
N ASP A 182 -16.21 -5.32 11.76
CA ASP A 182 -15.54 -5.46 13.04
C ASP A 182 -14.50 -6.57 13.01
N GLU A 183 -14.66 -7.56 12.12
CA GLU A 183 -13.62 -8.56 11.95
C GLU A 183 -12.31 -7.95 11.46
N ILE A 184 -12.39 -6.81 10.78
CA ILE A 184 -11.17 -6.10 10.41
C ILE A 184 -10.68 -5.24 11.57
N ARG A 185 -11.60 -4.58 12.28
CA ARG A 185 -11.21 -3.80 13.45
C ARG A 185 -10.50 -4.66 14.48
N ASN A 186 -10.99 -5.88 14.69
CA ASN A 186 -10.50 -6.75 15.76
C ASN A 186 -9.31 -7.59 15.33
N ILE A 187 -8.68 -7.28 14.20
CA ILE A 187 -7.42 -7.94 13.84
C ILE A 187 -6.36 -7.45 14.81
N ALA A 188 -5.82 -8.38 15.61
CA ALA A 188 -4.88 -8.02 16.65
C ALA A 188 -3.54 -7.62 16.07
N ARG A 189 -2.96 -6.55 16.59
CA ARG A 189 -1.66 -6.08 16.15
C ARG A 189 -0.72 -5.88 17.33
N PRO A 190 0.58 -6.17 17.15
CA PRO A 190 1.20 -6.62 15.89
C PRO A 190 0.89 -8.07 15.53
N THR A 191 1.05 -8.41 14.26
CA THR A 191 0.76 -9.75 13.78
C THR A 191 1.54 -10.00 12.50
N ASP A 192 1.94 -11.26 12.31
CA ASP A 192 2.42 -11.69 11.01
C ASP A 192 1.23 -11.99 10.10
N VAL A 193 1.53 -12.26 8.83
CA VAL A 193 0.50 -12.58 7.85
C VAL A 193 0.47 -14.10 7.68
N PRO A 194 -0.61 -14.77 8.07
CA PRO A 194 -0.68 -16.23 7.90
C PRO A 194 -0.84 -16.61 6.44
N ASP A 195 -0.64 -17.90 6.17
CA ASP A 195 -0.85 -18.46 4.84
C ASP A 195 -2.31 -18.46 4.42
N PHE A 196 -3.23 -18.26 5.36
CA PHE A 196 -4.65 -18.40 5.10
C PHE A 196 -5.41 -17.54 6.09
N GLY A 197 -6.69 -17.32 5.79
CA GLY A 197 -7.57 -16.57 6.66
C GLY A 197 -7.92 -15.22 6.08
N LEU A 198 -8.75 -14.50 6.85
CA LEU A 198 -9.25 -13.20 6.42
C LEU A 198 -8.11 -12.23 6.12
N LEU A 199 -7.11 -12.17 7.00
CA LEU A 199 -6.00 -11.24 6.81
C LEU A 199 -5.23 -11.56 5.53
N ASN A 200 -4.94 -12.84 5.30
CA ASN A 200 -4.28 -13.24 4.06
C ASN A 200 -5.10 -12.85 2.84
N ASP A 201 -6.42 -13.09 2.88
CA ASP A 201 -7.28 -12.77 1.74
C ASP A 201 -7.29 -11.28 1.44
N LEU A 202 -7.37 -10.45 2.48
CA LEU A 202 -7.48 -9.01 2.27
C LEU A 202 -6.23 -8.45 1.58
N LEU A 203 -5.09 -9.12 1.73
CA LEU A 203 -3.84 -8.63 1.16
C LEU A 203 -3.46 -9.35 -0.14
N TRP A 204 -4.14 -10.43 -0.50
CA TRP A 204 -3.69 -11.28 -1.61
C TRP A 204 -4.71 -11.51 -2.71
N SER A 205 -6.00 -11.26 -2.48
CA SER A 205 -6.99 -11.69 -3.46
C SER A 205 -7.12 -10.70 -4.62
N ASP A 206 -7.68 -11.18 -5.73
CA ASP A 206 -7.84 -10.42 -6.95
C ASP A 206 -9.25 -10.60 -7.51
N PRO A 207 -9.77 -9.58 -8.20
CA PRO A 207 -11.04 -9.75 -8.90
C PRO A 207 -10.85 -10.40 -10.26
N ALA A 208 -11.95 -10.96 -10.76
CA ALA A 208 -11.93 -11.58 -12.08
C ALA A 208 -13.37 -11.72 -12.57
N ASP A 209 -13.49 -11.95 -13.88
CA ASP A 209 -14.80 -12.22 -14.49
C ASP A 209 -15.03 -13.72 -14.60
N THR A 210 -15.01 -14.37 -13.44
CA THR A 210 -15.12 -15.81 -13.35
C THR A 210 -16.58 -16.24 -13.24
N ILE A 211 -16.83 -17.52 -13.53
CA ILE A 211 -18.18 -18.07 -13.43
C ILE A 211 -18.59 -18.32 -11.99
N ASN A 212 -17.63 -18.51 -11.09
CA ASN A 212 -17.91 -18.81 -9.70
C ASN A 212 -17.46 -17.68 -8.79
N GLU A 213 -18.16 -17.54 -7.66
CA GLU A 213 -17.85 -16.48 -6.71
C GLU A 213 -16.42 -16.58 -6.21
N TRP A 214 -16.00 -17.79 -5.82
CA TRP A 214 -14.68 -18.00 -5.26
C TRP A 214 -13.96 -19.11 -6.02
N GLU A 215 -12.71 -18.84 -6.40
CA GLU A 215 -11.82 -19.81 -7.01
C GLU A 215 -10.42 -19.56 -6.49
N ASP A 216 -9.60 -20.60 -6.47
CA ASP A 216 -8.22 -20.45 -6.01
C ASP A 216 -7.47 -19.50 -6.93
N ASN A 217 -6.60 -18.68 -6.34
CA ASN A 217 -5.88 -17.64 -7.07
C ASN A 217 -4.62 -18.20 -7.70
N GLU A 218 -4.38 -17.84 -8.96
CA GLU A 218 -3.23 -18.34 -9.71
C GLU A 218 -1.91 -17.89 -9.10
N ARG A 219 -1.92 -16.87 -8.25
CA ARG A 219 -0.70 -16.47 -7.57
C ARG A 219 -0.18 -17.54 -6.61
N GLY A 220 -0.98 -18.56 -6.31
CA GLY A 220 -0.57 -19.63 -5.42
C GLY A 220 -1.10 -19.53 -4.01
N VAL A 221 -1.94 -18.53 -3.72
CA VAL A 221 -2.48 -18.35 -2.37
C VAL A 221 -3.72 -17.47 -2.48
N SER A 222 -4.62 -17.62 -1.52
CA SER A 222 -5.87 -16.85 -1.42
C SER A 222 -6.75 -17.15 -2.64
N TYR A 223 -7.61 -16.20 -3.01
CA TYR A 223 -8.70 -16.44 -3.95
C TYR A 223 -8.74 -15.37 -5.03
N VAL A 224 -9.48 -15.68 -6.09
CA VAL A 224 -10.01 -14.69 -7.02
C VAL A 224 -11.52 -14.64 -6.83
N PHE A 225 -12.06 -13.43 -6.75
CA PHE A 225 -13.49 -13.25 -6.51
C PHE A 225 -14.16 -12.63 -7.73
N SER A 226 -15.40 -13.03 -7.97
CA SER A 226 -16.15 -12.67 -9.16
C SER A 226 -16.96 -11.39 -8.95
N LYS A 227 -17.65 -10.97 -10.01
CA LYS A 227 -18.55 -9.83 -9.92
C LYS A 227 -19.64 -10.05 -8.89
N VAL A 228 -20.10 -11.30 -8.72
CA VAL A 228 -21.13 -11.61 -7.74
C VAL A 228 -20.63 -11.32 -6.34
N ALA A 229 -19.36 -11.64 -6.07
CA ALA A 229 -18.80 -11.37 -4.74
C ALA A 229 -18.77 -9.88 -4.46
N ILE A 230 -18.43 -9.07 -5.47
CA ILE A 230 -18.42 -7.62 -5.29
C ILE A 230 -19.82 -7.10 -5.00
N ASN A 231 -20.79 -7.52 -5.83
CA ASN A 231 -22.16 -7.04 -5.67
C ASN A 231 -22.70 -7.36 -4.28
N LYS A 232 -22.52 -8.61 -3.83
CA LYS A 232 -22.98 -9.00 -2.51
C LYS A 232 -22.27 -8.21 -1.42
N PHE A 233 -20.98 -7.92 -1.61
CA PHE A 233 -20.22 -7.20 -0.59
C PHE A 233 -20.66 -5.74 -0.50
N LEU A 234 -20.82 -5.08 -1.66
CA LEU A 234 -21.25 -3.68 -1.64
C LEU A 234 -22.67 -3.54 -1.11
N SER A 235 -23.55 -4.49 -1.45
CA SER A 235 -24.92 -4.44 -0.95
C SER A 235 -24.97 -4.64 0.56
N LYS A 236 -24.19 -5.60 1.07
CA LYS A 236 -24.28 -5.96 2.49
C LYS A 236 -23.79 -4.84 3.40
N PHE A 237 -22.74 -4.13 2.99
CA PHE A 237 -22.13 -3.11 3.82
C PHE A 237 -22.46 -1.70 3.34
N ASN A 238 -23.29 -1.56 2.31
CA ASN A 238 -23.76 -0.26 1.81
C ASN A 238 -22.58 0.62 1.36
N PHE A 239 -21.67 0.01 0.60
CA PHE A 239 -20.57 0.74 -0.02
C PHE A 239 -20.87 0.96 -1.50
N ASP A 240 -20.26 1.99 -2.06
CA ASP A 240 -20.41 2.29 -3.47
C ASP A 240 -19.25 1.80 -4.32
N LEU A 241 -18.08 1.60 -3.73
CA LEU A 241 -16.87 1.31 -4.49
C LEU A 241 -15.89 0.53 -3.65
N VAL A 242 -15.23 -0.45 -4.28
CA VAL A 242 -14.06 -1.12 -3.72
C VAL A 242 -12.84 -0.53 -4.42
N CYS A 243 -11.94 0.07 -3.65
CA CYS A 243 -10.70 0.63 -4.17
C CYS A 243 -9.54 -0.22 -3.68
N ARG A 244 -8.78 -0.80 -4.61
CA ARG A 244 -7.72 -1.72 -4.24
C ARG A 244 -6.56 -1.55 -5.22
N ALA A 245 -5.49 -2.30 -4.96
CA ALA A 245 -4.27 -2.21 -5.76
C ALA A 245 -3.82 -3.59 -6.19
N HIS A 246 -2.60 -3.99 -5.79
CA HIS A 246 -2.14 -5.37 -5.83
C HIS A 246 -1.85 -5.88 -7.25
N MET A 247 -2.65 -5.47 -8.22
CA MET A 247 -2.59 -6.00 -9.57
C MET A 247 -2.10 -4.93 -10.54
N VAL A 248 -1.06 -5.24 -11.31
CA VAL A 248 -0.55 -4.28 -12.28
C VAL A 248 -1.54 -4.15 -13.43
N VAL A 249 -1.84 -2.91 -13.81
CA VAL A 249 -2.80 -2.62 -14.87
C VAL A 249 -2.14 -1.65 -15.85
N GLU A 250 -2.41 -1.86 -17.15
CA GLU A 250 -1.66 -1.17 -18.19
C GLU A 250 -1.84 0.34 -18.12
N ASP A 251 -3.08 0.80 -17.91
CA ASP A 251 -3.39 2.23 -17.93
C ASP A 251 -3.33 2.86 -16.53
N GLY A 252 -2.53 2.31 -15.62
CA GLY A 252 -2.40 2.90 -14.30
C GLY A 252 -3.56 2.60 -13.36
N TYR A 253 -4.79 2.72 -13.87
CA TYR A 253 -5.97 2.34 -13.10
C TYR A 253 -6.96 1.67 -14.04
N GLU A 254 -7.86 0.87 -13.47
CA GLU A 254 -8.81 0.12 -14.28
C GLU A 254 -10.06 -0.18 -13.45
N PHE A 255 -11.19 0.37 -13.85
CA PHE A 255 -12.47 0.03 -13.25
C PHE A 255 -12.88 -1.38 -13.67
N PHE A 256 -13.76 -1.97 -12.85
CA PHE A 256 -14.21 -3.34 -13.08
C PHE A 256 -15.62 -3.48 -12.54
N ASN A 257 -16.45 -4.23 -13.28
CA ASN A 257 -17.82 -4.57 -12.87
C ASN A 257 -18.68 -3.33 -12.71
N ASP A 258 -18.88 -2.63 -13.84
CA ASP A 258 -19.70 -1.42 -13.89
C ASP A 258 -19.21 -0.37 -12.89
N ARG A 259 -17.90 -0.21 -12.79
CA ARG A 259 -17.27 0.79 -11.92
C ARG A 259 -17.64 0.58 -10.45
N THR A 260 -17.87 -0.66 -10.05
CA THR A 260 -18.04 -0.98 -8.63
C THR A 260 -16.71 -1.29 -7.93
N LEU A 261 -15.65 -1.50 -8.70
CA LEU A 261 -14.31 -1.73 -8.16
C LEU A 261 -13.30 -1.06 -9.07
N VAL A 262 -12.23 -0.55 -8.47
CA VAL A 262 -11.13 0.04 -9.23
C VAL A 262 -9.82 -0.49 -8.67
N THR A 263 -8.89 -0.80 -9.55
CA THR A 263 -7.51 -1.10 -9.20
C THR A 263 -6.67 0.13 -9.48
N VAL A 264 -5.92 0.58 -8.47
CA VAL A 264 -4.98 1.68 -8.62
C VAL A 264 -3.57 1.13 -8.45
N PHE A 265 -2.77 1.26 -9.49
CA PHE A 265 -1.38 0.81 -9.50
C PHE A 265 -0.49 2.00 -9.79
N SER A 266 0.49 2.25 -8.92
CA SER A 266 1.25 3.48 -8.96
C SER A 266 2.75 3.24 -9.17
N ALA A 267 3.12 2.10 -9.75
CA ALA A 267 4.50 1.80 -10.09
C ALA A 267 4.64 1.75 -11.61
N PRO A 268 5.00 2.85 -12.26
CA PRO A 268 5.11 2.84 -13.73
C PRO A 268 6.22 1.91 -14.20
N ASN A 269 6.03 1.36 -15.39
CA ASN A 269 7.00 0.46 -16.03
C ASN A 269 7.46 -0.63 -15.06
N TYR A 270 6.48 -1.33 -14.51
CA TYR A 270 6.73 -2.34 -13.49
C TYR A 270 7.37 -3.59 -14.06
N CYS A 271 6.92 -4.03 -15.24
CA CYS A 271 7.44 -5.24 -15.86
C CYS A 271 8.33 -4.91 -17.06
N ASP A 275 4.92 -2.11 -20.05
CA ASP A 275 5.28 -0.73 -19.73
C ASP A 275 4.05 0.06 -19.30
N ASN A 276 3.59 -0.24 -18.09
CA ASN A 276 2.34 0.28 -17.59
C ASN A 276 2.47 1.71 -17.11
N TRP A 277 1.36 2.45 -17.23
CA TRP A 277 1.24 3.75 -16.59
C TRP A 277 1.06 3.60 -15.09
N GLY A 278 1.27 4.70 -14.37
CA GLY A 278 0.95 4.79 -12.96
C GLY A 278 -0.19 5.75 -12.78
N ALA A 279 -0.97 5.56 -11.72
CA ALA A 279 -2.14 6.40 -11.48
C ALA A 279 -2.33 6.65 -10.00
N VAL A 280 -2.96 7.78 -9.69
CA VAL A 280 -3.30 8.16 -8.33
C VAL A 280 -4.74 8.66 -8.34
N MET A 281 -5.57 8.14 -7.43
CA MET A 281 -6.99 8.45 -7.42
C MET A 281 -7.28 9.54 -6.40
N GLY A 282 -7.95 10.60 -6.85
CA GLY A 282 -8.39 11.66 -5.96
C GLY A 282 -9.88 11.50 -5.64
N VAL A 283 -10.22 11.71 -4.38
CA VAL A 283 -11.60 11.65 -3.91
C VAL A 283 -11.95 13.03 -3.38
N SER A 284 -12.90 13.69 -4.05
CA SER A 284 -13.32 15.02 -3.64
C SER A 284 -14.22 14.94 -2.40
N GLU A 285 -14.56 16.11 -1.88
CA GLU A 285 -15.43 16.18 -0.70
C GLU A 285 -16.80 15.58 -1.01
N ASP A 286 -17.26 15.67 -2.26
CA ASP A 286 -18.52 15.09 -2.67
C ASP A 286 -18.37 13.66 -3.18
N LEU A 287 -17.25 13.00 -2.88
CA LEU A 287 -17.00 11.61 -3.24
C LEU A 287 -16.96 11.41 -4.74
N LEU A 288 -16.40 12.39 -5.45
CA LEU A 288 -16.13 12.26 -6.87
C LEU A 288 -14.71 11.73 -7.06
N CYS A 289 -14.56 10.72 -7.91
CA CYS A 289 -13.29 10.04 -8.11
C CYS A 289 -12.68 10.47 -9.44
N SER A 290 -11.51 11.10 -9.38
CA SER A 290 -10.71 11.46 -10.54
C SER A 290 -9.33 10.84 -10.41
N PHE A 291 -8.50 11.00 -11.43
CA PHE A 291 -7.21 10.34 -11.48
C PHE A 291 -6.14 11.26 -12.06
N GLU A 292 -4.91 11.05 -11.61
CA GLU A 292 -3.73 11.71 -12.16
C GLU A 292 -2.75 10.63 -12.60
N LEU A 293 -2.16 10.84 -13.79
CA LEU A 293 -1.38 9.79 -14.45
C LEU A 293 0.12 10.01 -14.26
N LEU A 294 0.86 8.91 -14.34
CA LEU A 294 2.32 8.92 -14.30
C LEU A 294 2.80 8.10 -15.48
N ASP A 295 3.47 8.75 -16.44
CA ASP A 295 3.90 8.08 -17.65
C ASP A 295 5.01 7.08 -17.35
N PRO A 296 5.11 6.01 -18.15
CA PRO A 296 6.12 4.97 -17.86
C PRO A 296 7.55 5.50 -17.80
N LEU A 297 7.95 6.31 -18.77
CA LEU A 297 9.30 6.84 -18.79
C LEU A 297 9.33 8.32 -18.42
N DAL B 1 5.31 -11.10 -15.25
CA DAL B 1 6.27 -12.10 -15.70
CB DAL B 1 5.64 -13.50 -15.67
C DAL B 1 7.50 -12.04 -14.80
O DAL B 1 8.51 -12.66 -15.13
N LEU B 2 7.41 -11.30 -13.64
CA LEU B 2 8.58 -11.23 -12.76
C LEU B 2 8.63 -12.41 -11.80
C ACB B 3 7.11 -13.80 -9.34
O ACB B 3 7.37 -14.63 -8.43
OXT ACB B 3 6.59 -12.68 -9.30
CA ACB B 3 7.57 -14.29 -10.78
N ACB B 3 7.53 -13.18 -11.71
CB ACB B 3 6.66 -15.42 -11.26
CG ACB B 3 5.24 -14.91 -11.28
OD1 ACB B 3 4.80 -14.08 -12.07
C4 ACB B 3 6.99 -15.87 -12.68
N ARG B 4 4.41 -15.48 -10.30
CA ARG B 4 3.02 -15.02 -10.26
C ARG B 4 2.70 -14.37 -8.92
C1 1ZN B 5 1.98 -19.05 1.32
O1 1ZN B 5 2.87 -19.00 0.22
C2 1ZN B 5 2.50 -18.06 -0.77
C3 1ZN B 5 2.84 -16.62 -0.26
C4 1ZN B 5 4.30 -16.43 0.04
C5 1ZN B 5 4.84 -16.92 1.23
C6 1ZN B 5 6.18 -16.74 1.51
C7 1ZN B 5 7.00 -16.06 0.62
C8 1ZN B 5 6.46 -15.56 -0.57
C9 1ZN B 5 5.11 -15.74 -0.86
C10 1ZN B 5 3.25 -18.36 -2.08
C11 1ZN B 5 2.96 -19.76 -2.59
C12 1ZN B 5 2.88 -17.36 -3.11
C13 1ZN B 5 3.75 -16.86 -4.00
C14 1ZN B 5 5.18 -17.28 -4.03
C15 1ZN B 5 3.30 -15.89 -4.97
C16 1ZN B 5 4.13 -15.10 -5.62
CA 1ZN B 5 3.56 -14.12 -6.59
N 1ZN B 5 3.63 -14.69 -7.93
C18 1ZN B 5 4.24 -12.74 -6.45
C19 1ZN B 5 4.32 -12.26 -5.02
C 1ZN B 5 3.44 -11.71 -7.24
O 1ZN B 5 2.43 -11.23 -6.75
N FGA B 6 3.91 -11.42 -8.51
CA FGA B 6 3.28 -10.48 -9.42
C FGA B 6 3.23 -9.00 -8.91
O FGA B 6 2.07 -8.51 -8.89
CB FGA B 6 3.92 -10.51 -10.80
CG FGA B 6 3.10 -9.84 -11.90
CD FGA B 6 4.01 -9.46 -13.04
OE1 FGA B 6 5.23 -9.35 -12.96
OXT FGA B 6 4.29 -8.46 -8.57
N DAM B 7 3.44 -9.23 -14.34
CM DAM B 7 1.97 -9.35 -14.47
CA DAM B 7 4.27 -8.88 -15.40
CB DAM B 7 4.22 -7.67 -16.00
C DAM B 7 5.28 -9.87 -15.90
O DAM B 7 6.07 -9.66 -16.80
MN MN C . 0.36 -6.81 -3.70
MN MN D . 2.35 -5.37 -5.67
C1 MLI E . 21.00 1.71 -4.10
C2 MLI E . 20.40 2.55 -5.22
C3 MLI E . 22.41 1.27 -4.49
O6 MLI E . 19.99 3.72 -4.99
O7 MLI E . 20.30 2.07 -6.39
O8 MLI E . 22.72 0.04 -4.42
O9 MLI E . 23.27 2.10 -4.87
C1 MLI F . 2.69 -16.35 4.01
C2 MLI F . 1.72 -15.31 3.44
C3 MLI F . 3.84 -15.70 4.78
O6 MLI F . 0.83 -15.68 2.63
O7 MLI F . 1.81 -14.10 3.76
O8 MLI F . 4.27 -16.25 5.83
O9 MLI F . 4.36 -14.63 4.38
C1 MLI G . -3.10 15.47 -15.89
C2 MLI G . -2.89 13.98 -15.59
C3 MLI G . -4.51 15.88 -15.45
O6 MLI G . -3.87 13.23 -15.41
O7 MLI G . -1.72 13.51 -15.55
O8 MLI G . -4.65 16.64 -14.45
O9 MLI G . -5.51 15.48 -16.09
#